data_7SFN
#
_entry.id   7SFN
#
_cell.length_a   54.036
_cell.length_b   54.036
_cell.length_c   245.493
_cell.angle_alpha   90.000
_cell.angle_beta   90.000
_cell.angle_gamma   120.000
#
_symmetry.space_group_name_H-M   'P 65'
#
loop_
_entity.id
_entity.type
_entity.pdbx_description
1 polymer 'OlmO - oligomycin spirocyclase'
2 non-polymer D-MALATE
3 water water
#
_entity_poly.entity_id   1
_entity_poly.type   'polypeptide(L)'
_entity_poly.pdbx_seq_one_letter_code
;MGSSHHHHHHSSGLVPRGSHMMSVSEKEAETSAEQEFTRPPAPEKMRDLDFLLGDFRAEWTNFTADPATTGTAAWNTAST
FHGHAYEMTQRVEAHDLTGRFVVQWVESESSFSGYYYDDWGNRTLLTSEGWQDGYLAFTGECFGFGKSFLLKEQYEIVDE
KHYVKRGFIKFDEGDWIPADEVHCHREA
;
_entity_poly.pdbx_strand_id   A,B
#
loop_
_chem_comp.id
_chem_comp.type
_chem_comp.name
_chem_comp.formula
MLT non-polymer D-MALATE 'C4 H6 O5'
#
# COMPACT_ATOMS: atom_id res chain seq x y z
N PHE A 37 -17.56 -18.67 -7.45
CA PHE A 37 -17.94 -17.32 -7.83
C PHE A 37 -17.14 -16.83 -9.03
N THR A 38 -17.49 -15.64 -9.50
CA THR A 38 -16.76 -14.93 -10.55
C THR A 38 -16.11 -13.72 -9.91
N ARG A 39 -15.11 -13.17 -10.58
CA ARG A 39 -14.40 -12.00 -10.08
C ARG A 39 -15.36 -10.83 -9.86
N PRO A 40 -15.45 -10.30 -8.65
CA PRO A 40 -16.32 -9.12 -8.42
C PRO A 40 -15.83 -7.94 -9.23
N PRO A 41 -16.73 -7.23 -9.91
CA PRO A 41 -16.31 -6.03 -10.63
C PRO A 41 -15.85 -4.95 -9.67
N ALA A 42 -14.93 -4.12 -10.17
CA ALA A 42 -14.47 -3.00 -9.40
C ALA A 42 -15.66 -2.09 -9.03
N PRO A 43 -15.58 -1.38 -7.91
CA PRO A 43 -16.73 -0.61 -7.45
C PRO A 43 -17.05 0.57 -8.37
N GLU A 44 -18.32 0.91 -8.47
CA GLU A 44 -18.72 2.07 -9.29
C GLU A 44 -18.13 3.37 -8.76
N LYS A 45 -17.82 3.42 -7.47
CA LYS A 45 -17.22 4.60 -6.84
C LYS A 45 -15.86 4.96 -7.45
N MET A 46 -15.20 4.02 -8.14
CA MET A 46 -13.92 4.35 -8.77
C MET A 46 -14.08 5.42 -9.85
N ARG A 47 -15.29 5.67 -10.34
CA ARG A 47 -15.49 6.78 -11.28
C ARG A 47 -14.99 8.08 -10.69
N ASP A 48 -15.16 8.25 -9.38
CA ASP A 48 -14.70 9.46 -8.69
C ASP A 48 -13.21 9.68 -8.81
N LEU A 49 -12.45 8.68 -9.25
CA LEU A 49 -11.00 8.79 -9.40
C LEU A 49 -10.55 8.73 -10.86
N ASP A 50 -11.47 8.67 -11.81
CA ASP A 50 -11.07 8.53 -13.21
C ASP A 50 -10.22 9.70 -13.70
N PHE A 51 -10.45 10.90 -13.15
CA PHE A 51 -9.73 12.09 -13.60
C PHE A 51 -8.22 11.97 -13.39
N LEU A 52 -7.78 11.08 -12.50
CA LEU A 52 -6.35 10.87 -12.26
C LEU A 52 -5.67 10.08 -13.39
N LEU A 53 -6.42 9.30 -14.17
CA LEU A 53 -5.83 8.29 -15.05
C LEU A 53 -5.09 8.93 -16.24
N GLY A 54 -3.90 8.41 -16.51
CA GLY A 54 -3.07 8.93 -17.59
C GLY A 54 -1.74 9.45 -17.06
N ASP A 55 -0.93 9.95 -18.00
CA ASP A 55 0.38 10.54 -17.68
C ASP A 55 0.20 12.04 -17.57
N PHE A 56 0.71 12.61 -16.48
CA PHE A 56 0.60 14.05 -16.25
C PHE A 56 1.96 14.66 -16.00
N ARG A 57 2.16 15.86 -16.53
CA ARG A 57 3.27 16.70 -16.13
C ARG A 57 2.81 17.54 -14.95
N ALA A 58 3.55 17.45 -13.84
CA ALA A 58 3.16 18.08 -12.59
C ALA A 58 4.08 19.24 -12.32
N GLU A 59 3.52 20.45 -12.23
CA GLU A 59 4.26 21.64 -11.87
C GLU A 59 3.94 21.94 -10.41
N TRP A 60 4.94 21.84 -9.54
CA TRP A 60 4.69 21.97 -8.12
C TRP A 60 5.32 23.24 -7.56
N THR A 61 4.69 23.73 -6.51
CA THR A 61 5.23 24.77 -5.63
C THR A 61 5.26 24.19 -4.23
N ASN A 62 6.42 24.28 -3.57
CA ASN A 62 6.56 23.78 -2.21
C ASN A 62 6.55 24.99 -1.30
N PHE A 63 5.49 25.11 -0.49
CA PHE A 63 5.35 26.26 0.39
C PHE A 63 6.08 26.07 1.72
N THR A 64 6.52 24.85 2.05
CA THR A 64 7.25 24.67 3.29
C THR A 64 8.63 25.32 3.22
N ALA A 65 9.18 25.52 2.02
CA ALA A 65 10.40 26.31 1.87
C ALA A 65 10.09 27.80 1.93
N ASP A 66 11.05 28.56 2.45
CA ASP A 66 10.92 30.01 2.53
C ASP A 66 12.19 30.62 1.97
N PRO A 67 12.15 31.21 0.76
CA PRO A 67 10.92 31.38 -0.05
C PRO A 67 10.44 30.08 -0.70
N ALA A 68 9.25 30.13 -1.32
CA ALA A 68 8.66 28.92 -1.88
C ALA A 68 9.46 28.46 -3.09
N THR A 69 9.67 27.16 -3.21
CA THR A 69 10.41 26.59 -4.33
C THR A 69 9.45 25.96 -5.34
N THR A 70 9.89 25.88 -6.59
CA THR A 70 9.08 25.29 -7.66
C THR A 70 9.89 24.26 -8.42
N GLY A 71 9.18 23.33 -9.04
CA GLY A 71 9.82 22.38 -9.92
C GLY A 71 8.77 21.59 -10.67
N THR A 72 9.22 20.52 -11.31
CA THR A 72 8.33 19.67 -12.08
C THR A 72 8.50 18.22 -11.69
N ALA A 73 7.47 17.45 -12.00
CA ALA A 73 7.46 16.02 -11.74
C ALA A 73 6.56 15.37 -12.79
N ALA A 74 6.53 14.04 -12.77
CA ALA A 74 5.63 13.24 -13.58
C ALA A 74 4.71 12.50 -12.63
N TRP A 75 3.40 12.70 -12.78
CA TRP A 75 2.40 12.00 -11.99
C TRP A 75 1.59 11.17 -12.98
N ASN A 76 1.82 9.86 -12.98
CA ASN A 76 1.20 8.96 -13.94
C ASN A 76 0.37 7.95 -13.17
N THR A 77 -0.94 7.92 -13.43
CA THR A 77 -1.84 7.03 -12.70
C THR A 77 -2.42 5.98 -13.63
N ALA A 78 -2.44 4.73 -13.17
CA ALA A 78 -2.98 3.63 -13.95
C ALA A 78 -3.99 2.87 -13.11
N SER A 79 -4.91 2.21 -13.81
CA SER A 79 -5.80 1.26 -13.16
C SER A 79 -5.07 -0.06 -12.98
N THR A 80 -5.14 -0.63 -11.78
CA THR A 80 -4.51 -1.92 -11.51
C THR A 80 -5.54 -2.84 -10.90
N PHE A 81 -5.17 -4.12 -10.84
CA PHE A 81 -5.96 -5.17 -10.20
C PHE A 81 -7.42 -5.12 -10.65
N HIS A 82 -7.60 -5.09 -11.97
CA HIS A 82 -8.91 -5.12 -12.61
C HIS A 82 -9.79 -3.96 -12.11
N GLY A 83 -9.17 -2.81 -11.85
CA GLY A 83 -9.89 -1.61 -11.49
C GLY A 83 -10.18 -1.46 -10.01
N HIS A 84 -9.79 -2.43 -9.19
CA HIS A 84 -10.00 -2.34 -7.75
C HIS A 84 -9.04 -1.38 -7.06
N ALA A 85 -7.95 -0.98 -7.72
CA ALA A 85 -7.00 -0.03 -7.15
C ALA A 85 -6.46 0.85 -8.26
N TYR A 86 -6.38 2.14 -8.00
CA TYR A 86 -5.69 3.06 -8.89
C TYR A 86 -4.33 3.35 -8.30
N GLU A 87 -3.30 3.32 -9.16
CA GLU A 87 -1.92 3.39 -8.70
C GLU A 87 -1.25 4.56 -9.36
N MET A 88 -0.93 5.58 -8.60
CA MET A 88 -0.22 6.74 -9.13
C MET A 88 1.25 6.59 -8.83
N THR A 89 2.08 6.76 -9.85
CA THR A 89 3.52 6.84 -9.69
C THR A 89 3.95 8.29 -9.79
N GLN A 90 4.62 8.78 -8.77
CA GLN A 90 5.15 10.13 -8.74
C GLN A 90 6.67 10.06 -8.87
N ARG A 91 7.22 10.61 -9.93
CA ARG A 91 8.65 10.66 -10.15
CA ARG A 91 8.66 10.66 -10.13
C ARG A 91 9.10 12.12 -10.15
N VAL A 92 9.89 12.50 -9.16
CA VAL A 92 10.49 13.82 -9.12
C VAL A 92 11.96 13.64 -9.47
N GLU A 93 12.29 13.79 -10.76
CA GLU A 93 13.67 13.60 -11.19
C GLU A 93 14.62 14.53 -10.45
N ALA A 94 14.13 15.71 -10.06
CA ALA A 94 14.92 16.60 -9.22
C ALA A 94 15.29 15.97 -7.88
N HIS A 95 14.32 15.54 -7.09
CA HIS A 95 14.95 15.21 -5.82
C HIS A 95 15.39 13.75 -5.74
N ASP A 96 15.61 13.15 -6.93
CA ASP A 96 15.58 11.71 -7.16
C ASP A 96 14.65 10.99 -6.20
N LEU A 97 13.36 11.30 -6.28
CA LEU A 97 12.35 10.64 -5.46
C LEU A 97 11.39 9.93 -6.39
N THR A 98 10.97 8.74 -5.97
CA THR A 98 9.89 8.00 -6.63
C THR A 98 8.91 7.59 -5.54
N GLY A 99 7.66 7.98 -5.71
CA GLY A 99 6.61 7.68 -4.77
C GLY A 99 5.48 6.92 -5.45
N ARG A 100 4.64 6.26 -4.66
CA ARG A 100 3.46 5.58 -5.15
C ARG A 100 2.28 5.96 -4.28
N PHE A 101 1.12 6.17 -4.91
CA PHE A 101 -0.13 6.46 -4.22
C PHE A 101 -1.13 5.43 -4.70
N VAL A 102 -1.56 4.52 -3.82
CA VAL A 102 -2.52 3.47 -4.15
C VAL A 102 -3.85 3.88 -3.52
N VAL A 103 -4.89 3.96 -4.35
CA VAL A 103 -6.19 4.47 -3.91
C VAL A 103 -7.24 3.41 -4.20
N GLN A 104 -8.07 3.11 -3.20
CA GLN A 104 -9.15 2.14 -3.34
C GLN A 104 -10.40 2.68 -2.66
N TRP A 105 -11.55 2.16 -3.08
CA TRP A 105 -12.81 2.33 -2.34
C TRP A 105 -12.99 1.21 -1.33
N VAL A 106 -13.32 1.57 -0.09
CA VAL A 106 -13.53 0.62 0.99
C VAL A 106 -15.00 0.69 1.40
N GLU A 107 -15.81 -0.23 0.89
CA GLU A 107 -17.25 -0.16 1.10
C GLU A 107 -17.61 -0.24 2.58
N SER A 108 -16.96 -1.12 3.34
CA SER A 108 -17.33 -1.30 4.73
C SER A 108 -17.14 0.00 5.52
N GLU A 109 -16.22 0.84 5.08
CA GLU A 109 -15.91 2.09 5.76
C GLU A 109 -16.57 3.28 5.09
N SER A 110 -17.25 3.07 3.96
CA SER A 110 -17.86 4.14 3.15
C SER A 110 -16.89 5.28 2.91
N SER A 111 -15.67 4.93 2.51
CA SER A 111 -14.70 5.97 2.23
C SER A 111 -13.62 5.43 1.31
N PHE A 112 -12.86 6.36 0.73
CA PHE A 112 -11.69 5.99 -0.05
C PHE A 112 -10.47 5.87 0.87
N SER A 113 -9.61 4.91 0.54
CA SER A 113 -8.32 4.74 1.18
C SER A 113 -7.22 5.23 0.26
N GLY A 114 -6.26 5.95 0.80
CA GLY A 114 -5.10 6.34 0.03
C GLY A 114 -3.82 5.96 0.77
N TYR A 115 -2.97 5.14 0.15
CA TYR A 115 -1.75 4.66 0.78
C TYR A 115 -0.56 5.21 -0.02
N TYR A 116 0.19 6.15 0.59
CA TYR A 116 1.36 6.75 -0.07
C TYR A 116 2.64 6.21 0.58
N TYR A 117 3.64 5.87 -0.26
CA TYR A 117 4.96 5.52 0.25
C TYR A 117 5.98 5.78 -0.86
N ASP A 118 7.23 6.07 -0.46
CA ASP A 118 8.24 6.44 -1.44
C ASP A 118 9.61 5.90 -1.02
N ASP A 119 10.62 6.16 -1.84
CA ASP A 119 11.97 5.64 -1.61
C ASP A 119 12.83 6.59 -0.78
N TRP A 120 12.20 7.53 -0.07
CA TRP A 120 12.83 8.32 0.96
C TRP A 120 12.31 7.96 2.34
N GLY A 121 11.51 6.90 2.44
CA GLY A 121 10.99 6.46 3.71
C GLY A 121 9.69 7.11 4.13
N ASN A 122 9.14 8.03 3.35
CA ASN A 122 7.85 8.60 3.70
C ASN A 122 6.74 7.57 3.50
N ARG A 123 5.74 7.63 4.37
CA ARG A 123 4.63 6.69 4.30
C ARG A 123 3.43 7.31 5.02
N THR A 124 2.27 7.31 4.36
CA THR A 124 1.04 7.86 4.93
C THR A 124 -0.19 7.10 4.46
N LEU A 125 -1.11 6.85 5.40
CA LEU A 125 -2.44 6.34 5.09
C LEU A 125 -3.48 7.44 5.30
N LEU A 126 -4.18 7.77 4.23
CA LEU A 126 -5.20 8.81 4.22
C LEU A 126 -6.55 8.19 3.91
N THR A 127 -7.61 8.90 4.30
CA THR A 127 -8.95 8.46 3.93
C THR A 127 -9.75 9.65 3.42
N SER A 128 -10.75 9.38 2.59
CA SER A 128 -11.58 10.44 2.03
C SER A 128 -13.03 9.98 2.00
N GLU A 129 -13.94 10.85 2.43
CA GLU A 129 -15.36 10.55 2.34
C GLU A 129 -15.88 10.63 0.91
N GLY A 130 -15.09 11.15 -0.01
CA GLY A 130 -15.49 11.31 -1.40
C GLY A 130 -15.59 12.78 -1.77
N TRP A 131 -16.06 13.00 -3.00
CA TRP A 131 -16.22 14.36 -3.51
C TRP A 131 -17.27 15.11 -2.73
N GLN A 132 -16.91 16.32 -2.29
CA GLN A 132 -17.89 17.19 -1.65
C GLN A 132 -17.54 18.63 -1.97
N ASP A 133 -18.50 19.37 -2.53
CA ASP A 133 -18.38 20.80 -2.74
C ASP A 133 -17.18 21.17 -3.61
N GLY A 134 -16.96 20.39 -4.66
CA GLY A 134 -15.90 20.67 -5.62
C GLY A 134 -14.51 20.22 -5.23
N TYR A 135 -14.32 19.54 -4.09
CA TYR A 135 -13.01 19.05 -3.69
C TYR A 135 -13.08 17.56 -3.33
N LEU A 136 -11.97 16.87 -3.51
CA LEU A 136 -11.77 15.51 -3.02
C LEU A 136 -10.59 15.51 -2.06
N ALA A 137 -10.88 15.43 -0.76
CA ALA A 137 -9.88 15.64 0.27
C ALA A 137 -9.52 14.34 0.96
N PHE A 138 -8.23 14.00 0.96
CA PHE A 138 -7.71 12.85 1.70
C PHE A 138 -7.06 13.35 2.98
N THR A 139 -7.50 12.83 4.12
CA THR A 139 -6.96 13.27 5.41
C THR A 139 -6.43 12.09 6.22
N GLY A 140 -5.37 12.37 6.98
CA GLY A 140 -4.87 11.40 7.95
C GLY A 140 -3.88 12.05 8.90
N GLU A 141 -3.65 11.36 10.02
CA GLU A 141 -2.61 11.79 10.95
C GLU A 141 -1.25 11.36 10.44
N CYS A 142 -0.22 12.12 10.80
CA CYS A 142 1.10 11.85 10.26
C CYS A 142 2.16 12.26 11.29
N PHE A 143 3.38 11.79 11.06
CA PHE A 143 4.49 12.02 11.99
C PHE A 143 5.71 12.46 11.17
N GLY A 144 6.13 13.71 11.35
CA GLY A 144 7.24 14.27 10.59
C GLY A 144 8.43 14.68 11.43
N PHE A 149 1.07 16.22 13.56
CA PHE A 149 0.02 16.86 12.74
C PHE A 149 -1.06 16.02 12.07
N LEU A 150 -2.03 16.79 11.58
CA LEU A 150 -3.03 16.37 10.61
C LEU A 150 -2.58 16.77 9.20
N LEU A 151 -2.70 15.86 8.24
CA LEU A 151 -2.36 16.14 6.85
C LEU A 151 -3.62 16.07 5.99
N LYS A 152 -3.74 16.98 5.02
CA LYS A 152 -4.85 16.98 4.06
C LYS A 152 -4.33 17.11 2.64
N GLU A 153 -4.76 16.21 1.77
CA GLU A 153 -4.39 16.22 0.36
C GLU A 153 -5.67 16.41 -0.44
N GLN A 154 -5.84 17.62 -0.98
CA GLN A 154 -7.10 18.08 -1.54
C GLN A 154 -6.96 18.16 -3.06
N TYR A 155 -7.75 17.35 -3.78
CA TYR A 155 -7.74 17.36 -5.23
C TYR A 155 -8.91 18.19 -5.77
N GLU A 156 -8.67 18.81 -6.92
CA GLU A 156 -9.64 19.66 -7.59
C GLU A 156 -9.49 19.44 -9.09
N ILE A 157 -10.62 19.36 -9.78
CA ILE A 157 -10.60 19.18 -11.23
C ILE A 157 -10.68 20.56 -11.86
N VAL A 158 -9.83 20.80 -12.86
CA VAL A 158 -9.90 22.08 -13.54
C VAL A 158 -10.66 21.89 -14.84
N ASP A 159 -10.16 21.03 -15.72
CA ASP A 159 -10.89 20.70 -16.94
C ASP A 159 -10.44 19.30 -17.40
N GLU A 160 -10.68 18.99 -18.67
CA GLU A 160 -10.46 17.63 -19.18
C GLU A 160 -9.00 17.20 -19.20
N LYS A 161 -8.06 18.14 -19.06
CA LYS A 161 -6.63 17.81 -19.17
C LYS A 161 -5.82 18.37 -18.00
N HIS A 162 -6.48 18.79 -16.93
CA HIS A 162 -5.81 19.52 -15.88
C HIS A 162 -6.53 19.27 -14.56
N TYR A 163 -5.79 18.77 -13.57
CA TYR A 163 -6.26 18.75 -12.20
C TYR A 163 -5.20 19.35 -11.30
N VAL A 164 -5.59 19.68 -10.06
CA VAL A 164 -4.68 20.28 -9.09
C VAL A 164 -4.75 19.47 -7.80
N LYS A 165 -3.62 19.35 -7.13
CA LYS A 165 -3.57 18.78 -5.79
C LYS A 165 -2.99 19.84 -4.86
N ARG A 166 -3.61 20.04 -3.72
CA ARG A 166 -3.10 20.99 -2.74
C ARG A 166 -2.91 20.28 -1.42
N GLY A 167 -1.71 20.39 -0.85
CA GLY A 167 -1.37 19.74 0.40
C GLY A 167 -1.38 20.76 1.52
N PHE A 168 -1.97 20.37 2.66
CA PHE A 168 -2.07 21.22 3.84
C PHE A 168 -1.70 20.40 5.08
N ILE A 169 -1.25 21.09 6.13
CA ILE A 169 -1.00 20.48 7.42
C ILE A 169 -1.63 21.35 8.52
N LYS A 170 -1.90 20.72 9.67
CA LYS A 170 -2.59 21.40 10.75
C LYS A 170 -2.08 20.88 12.10
N PHE A 171 -1.49 21.76 12.93
CA PHE A 171 -0.99 21.39 14.26
C PHE A 171 -2.02 21.67 15.34
N ASP A 172 -1.87 20.98 16.48
CA ASP A 172 -2.71 21.18 17.66
C ASP A 172 -4.19 21.22 17.26
N GLU A 173 -4.84 22.35 17.50
CA GLU A 173 -6.09 22.63 16.81
C GLU A 173 -5.78 23.55 15.63
N GLY A 174 -5.62 24.85 15.86
CA GLY A 174 -5.09 25.74 14.85
C GLY A 174 -5.73 25.68 13.48
N ASP A 175 -5.06 26.22 12.46
CA ASP A 175 -5.63 26.34 11.12
C ASP A 175 -4.78 25.56 10.12
N TRP A 176 -5.34 25.37 8.93
CA TRP A 176 -4.64 24.70 7.84
C TRP A 176 -3.51 25.56 7.30
N ILE A 177 -2.32 24.99 7.21
CA ILE A 177 -1.15 25.65 6.65
C ILE A 177 -0.87 25.03 5.29
N PRO A 178 -0.91 25.80 4.20
CA PRO A 178 -0.56 25.22 2.90
C PRO A 178 0.87 24.69 2.92
N ALA A 179 1.04 23.50 2.35
CA ALA A 179 2.34 22.82 2.26
C ALA A 179 2.86 22.73 0.84
N ASP A 180 2.01 22.38 -0.14
CA ASP A 180 2.40 22.45 -1.54
C ASP A 180 1.18 22.64 -2.43
N GLU A 181 1.46 22.90 -3.71
CA GLU A 181 0.44 22.98 -4.75
C GLU A 181 1.02 22.38 -6.01
N VAL A 182 0.26 21.49 -6.64
CA VAL A 182 0.76 20.71 -7.78
C VAL A 182 -0.28 20.76 -8.89
N HIS A 183 0.06 21.44 -9.98
CA HIS A 183 -0.81 21.56 -11.15
C HIS A 183 -0.42 20.48 -12.15
N CYS A 184 -1.37 19.59 -12.45
CA CYS A 184 -1.12 18.41 -13.26
C CYS A 184 -1.79 18.60 -14.61
N HIS A 185 -0.99 18.59 -15.67
CA HIS A 185 -1.46 18.77 -17.04
C HIS A 185 -1.26 17.49 -17.83
N ARG A 186 -2.35 16.98 -18.43
CA ARG A 186 -2.31 15.67 -19.06
C ARG A 186 -1.46 15.68 -20.33
N GLU A 187 -0.61 14.66 -20.45
CA GLU A 187 0.12 14.35 -21.68
C GLU A 187 -0.43 13.14 -22.41
N ALA A 188 -1.06 12.21 -21.68
CA ALA A 188 -1.62 10.97 -22.24
C ALA A 188 -2.47 10.24 -21.18
N ALA B 33 30.13 2.61 -5.69
CA ALA B 33 30.55 1.87 -4.51
C ALA B 33 29.88 2.37 -3.25
N GLU B 34 30.72 2.96 -2.39
CA GLU B 34 30.26 3.59 -1.17
C GLU B 34 29.75 4.99 -1.50
N GLN B 35 29.15 5.15 -2.69
CA GLN B 35 28.93 6.44 -3.32
C GLN B 35 27.79 7.22 -2.66
N GLU B 36 26.74 6.54 -2.20
CA GLU B 36 25.70 7.12 -1.34
C GLU B 36 24.99 8.34 -1.94
N PHE B 37 24.35 9.13 -1.06
CA PHE B 37 23.58 10.32 -1.44
C PHE B 37 23.02 11.00 -0.19
N THR B 38 21.83 11.57 -0.30
CA THR B 38 21.08 12.05 0.86
C THR B 38 19.73 11.36 1.01
N ARG B 39 19.38 10.43 0.10
CA ARG B 39 18.17 9.69 0.45
C ARG B 39 18.51 8.72 1.59
N PRO B 40 17.60 8.54 2.54
CA PRO B 40 17.89 7.63 3.65
C PRO B 40 17.89 6.19 3.19
N PRO B 41 18.79 5.37 3.74
CA PRO B 41 18.70 3.94 3.48
C PRO B 41 17.45 3.34 4.11
N ALA B 42 17.06 2.18 3.60
CA ALA B 42 15.95 1.46 4.17
C ALA B 42 16.24 1.11 5.63
N PRO B 43 15.20 0.97 6.46
CA PRO B 43 15.42 0.67 7.87
C PRO B 43 16.14 -0.66 8.03
N GLU B 44 17.00 -0.74 9.04
CA GLU B 44 17.62 -2.06 9.20
C GLU B 44 16.62 -3.13 9.63
N LYS B 45 15.43 -2.76 10.15
CA LYS B 45 14.43 -3.78 10.49
C LYS B 45 13.99 -4.61 9.30
N MET B 46 14.12 -4.07 8.08
CA MET B 46 13.71 -4.83 6.91
C MET B 46 14.52 -6.13 6.74
N ARG B 47 15.69 -6.25 7.38
CA ARG B 47 16.41 -7.53 7.37
C ARG B 47 15.54 -8.67 7.91
N ASP B 48 14.59 -8.37 8.82
CA ASP B 48 13.72 -9.41 9.35
C ASP B 48 12.79 -10.00 8.31
N LEU B 49 12.69 -9.38 7.14
CA LEU B 49 11.80 -9.83 6.07
C LEU B 49 12.55 -10.37 4.87
N ASP B 50 13.88 -10.40 4.93
CA ASP B 50 14.66 -10.85 3.77
C ASP B 50 14.36 -12.28 3.37
N PHE B 51 13.91 -13.12 4.31
CA PHE B 51 13.59 -14.51 4.00
C PHE B 51 12.47 -14.63 2.96
N LEU B 52 11.62 -13.61 2.82
CA LEU B 52 10.55 -13.65 1.83
C LEU B 52 11.05 -13.40 0.41
N LEU B 53 12.25 -12.85 0.26
CA LEU B 53 12.66 -12.29 -1.02
C LEU B 53 12.96 -13.37 -2.04
N GLY B 54 12.49 -13.15 -3.27
CA GLY B 54 12.72 -14.05 -4.38
C GLY B 54 11.44 -14.65 -4.89
N ASP B 55 11.58 -15.62 -5.79
CA ASP B 55 10.44 -16.31 -6.39
C ASP B 55 10.24 -17.66 -5.70
N PHE B 56 9.00 -17.94 -5.30
CA PHE B 56 8.66 -19.13 -4.54
C PHE B 56 7.47 -19.85 -5.17
N ARG B 57 7.59 -21.18 -5.26
CA ARG B 57 6.44 -22.03 -5.51
C ARG B 57 5.68 -22.20 -4.20
N ALA B 58 4.40 -21.86 -4.19
CA ALA B 58 3.60 -21.91 -2.97
C ALA B 58 2.61 -23.05 -3.05
N GLU B 59 2.67 -23.95 -2.07
CA GLU B 59 1.71 -25.04 -1.91
C GLU B 59 0.75 -24.63 -0.80
N TRP B 60 -0.50 -24.36 -1.13
CA TRP B 60 -1.45 -23.88 -0.14
C TRP B 60 -2.49 -24.94 0.18
N THR B 61 -3.02 -24.85 1.40
CA THR B 61 -4.12 -25.67 1.86
C THR B 61 -5.12 -24.75 2.53
N ASN B 62 -6.39 -24.87 2.14
CA ASN B 62 -7.46 -24.02 2.64
C ASN B 62 -8.30 -24.83 3.64
N PHE B 63 -8.18 -24.49 4.93
CA PHE B 63 -8.95 -25.20 5.94
C PHE B 63 -10.38 -24.69 6.07
N THR B 64 -10.70 -23.52 5.52
CA THR B 64 -12.09 -23.05 5.62
C THR B 64 -13.00 -23.71 4.60
N ALA B 65 -12.45 -24.30 3.56
CA ALA B 65 -13.26 -25.09 2.65
C ALA B 65 -13.57 -26.44 3.28
N ASP B 66 -14.74 -26.97 2.97
CA ASP B 66 -15.12 -28.29 3.48
C ASP B 66 -15.51 -29.22 2.34
N PRO B 67 -14.72 -30.27 2.05
CA PRO B 67 -13.46 -30.56 2.73
C PRO B 67 -12.37 -29.57 2.36
N ALA B 68 -11.24 -29.62 3.06
CA ALA B 68 -10.15 -28.70 2.81
C ALA B 68 -9.67 -28.83 1.36
N THR B 69 -9.31 -27.70 0.78
CA THR B 69 -8.87 -27.65 -0.61
C THR B 69 -7.38 -27.35 -0.66
N THR B 70 -6.72 -27.82 -1.71
CA THR B 70 -5.29 -27.60 -1.88
C THR B 70 -5.01 -27.09 -3.29
N GLY B 71 -3.95 -26.32 -3.43
CA GLY B 71 -3.50 -25.97 -4.76
C GLY B 71 -2.09 -25.42 -4.71
N THR B 72 -1.64 -24.91 -5.85
CA THR B 72 -0.33 -24.30 -5.95
C THR B 72 -0.48 -22.89 -6.48
N ALA B 73 0.41 -22.01 -6.03
CA ALA B 73 0.42 -20.63 -6.45
C ALA B 73 1.88 -20.21 -6.60
N ALA B 74 2.09 -18.95 -6.96
CA ALA B 74 3.41 -18.36 -6.98
C ALA B 74 3.40 -17.15 -6.07
N TRP B 75 4.32 -17.14 -5.10
CA TRP B 75 4.50 -16.00 -4.19
C TRP B 75 5.88 -15.43 -4.45
N ASN B 76 5.93 -14.32 -5.19
CA ASN B 76 7.17 -13.68 -5.58
C ASN B 76 7.30 -12.34 -4.88
N THR B 77 8.33 -12.19 -4.06
CA THR B 77 8.55 -10.97 -3.28
C THR B 77 9.79 -10.26 -3.78
N ALA B 78 9.65 -8.97 -4.05
CA ALA B 78 10.69 -8.13 -4.60
C ALA B 78 10.96 -6.98 -3.63
N SER B 79 12.19 -6.52 -3.62
CA SER B 79 12.51 -5.27 -2.94
C SER B 79 12.17 -4.10 -3.85
N THR B 80 11.40 -3.15 -3.34
CA THR B 80 11.04 -1.99 -4.14
C THR B 80 11.37 -0.72 -3.38
N PHE B 81 11.42 0.38 -4.12
CA PHE B 81 11.67 1.71 -3.57
C PHE B 81 12.92 1.73 -2.70
N HIS B 82 14.01 1.24 -3.27
CA HIS B 82 15.33 1.18 -2.62
C HIS B 82 15.27 0.49 -1.27
N GLY B 83 14.49 -0.58 -1.16
CA GLY B 83 14.46 -1.36 0.06
C GLY B 83 13.44 -0.91 1.08
N HIS B 84 12.80 0.25 0.88
CA HIS B 84 11.84 0.79 1.86
C HIS B 84 10.52 0.03 1.90
N ALA B 85 10.20 -0.74 0.87
CA ALA B 85 8.99 -1.57 0.87
C ALA B 85 9.28 -2.88 0.16
N TYR B 86 8.85 -3.99 0.75
CA TYR B 86 8.89 -5.28 0.06
C TYR B 86 7.50 -5.59 -0.51
N GLU B 87 7.47 -6.06 -1.74
CA GLU B 87 6.22 -6.21 -2.48
C GLU B 87 6.08 -7.66 -2.90
N MET B 88 5.17 -8.39 -2.24
CA MET B 88 4.90 -9.78 -2.59
C MET B 88 3.74 -9.83 -3.57
N THR B 89 3.96 -10.48 -4.71
CA THR B 89 2.89 -10.79 -5.63
C THR B 89 2.44 -12.23 -5.37
N GLN B 90 1.14 -12.41 -5.16
CA GLN B 90 0.54 -13.73 -4.99
C GLN B 90 -0.32 -14.02 -6.22
N ARG B 91 0.16 -14.93 -7.09
CA ARG B 91 -0.61 -15.32 -8.27
C ARG B 91 -1.23 -16.69 -8.03
N VAL B 92 -2.56 -16.74 -8.05
CA VAL B 92 -3.29 -17.99 -7.95
C VAL B 92 -4.01 -18.20 -9.26
N GLU B 93 -3.30 -18.76 -10.25
CA GLU B 93 -3.87 -18.87 -11.58
C GLU B 93 -5.13 -19.74 -11.60
N ALA B 94 -5.21 -20.74 -10.72
CA ALA B 94 -6.38 -21.63 -10.67
C ALA B 94 -7.64 -20.90 -10.19
N HIS B 95 -7.48 -19.83 -9.42
CA HIS B 95 -8.61 -19.01 -8.99
C HIS B 95 -8.67 -17.69 -9.75
N ASP B 96 -7.90 -17.56 -10.83
CA ASP B 96 -7.62 -16.28 -11.50
C ASP B 96 -7.62 -15.13 -10.51
N LEU B 97 -6.68 -15.13 -9.59
CA LEU B 97 -6.56 -14.09 -8.58
C LEU B 97 -5.11 -13.63 -8.57
N THR B 98 -4.91 -12.32 -8.50
CA THR B 98 -3.60 -11.73 -8.25
C THR B 98 -3.70 -10.78 -7.08
N GLY B 99 -2.84 -10.97 -6.09
CA GLY B 99 -2.83 -10.15 -4.90
C GLY B 99 -1.47 -9.53 -4.70
N ARG B 100 -1.44 -8.46 -3.92
CA ARG B 100 -0.21 -7.76 -3.59
C ARG B 100 -0.16 -7.54 -2.09
N PHE B 101 1.02 -7.79 -1.51
CA PHE B 101 1.25 -7.60 -0.08
C PHE B 101 2.46 -6.69 0.05
N VAL B 102 2.24 -5.48 0.55
CA VAL B 102 3.28 -4.47 0.68
C VAL B 102 3.64 -4.38 2.16
N VAL B 103 4.92 -4.56 2.48
CA VAL B 103 5.38 -4.56 3.86
C VAL B 103 6.44 -3.49 4.06
N GLN B 104 6.29 -2.70 5.13
CA GLN B 104 7.26 -1.69 5.52
C GLN B 104 7.47 -1.71 7.03
N TRP B 105 8.59 -1.14 7.46
CA TRP B 105 8.81 -0.86 8.87
C TRP B 105 8.36 0.56 9.19
N VAL B 106 7.54 0.72 10.22
CA VAL B 106 7.02 2.03 10.62
C VAL B 106 7.66 2.36 11.96
N GLU B 107 8.73 3.16 11.91
CA GLU B 107 9.48 3.48 13.12
C GLU B 107 8.61 4.17 14.15
N SER B 108 7.73 5.08 13.73
CA SER B 108 6.96 5.83 14.71
C SER B 108 6.06 4.91 15.52
N GLU B 109 5.68 3.76 14.95
CA GLU B 109 4.83 2.82 15.65
C GLU B 109 5.61 1.63 16.18
N SER B 110 6.92 1.58 15.93
CA SER B 110 7.75 0.39 16.23
C SER B 110 7.07 -0.90 15.77
N SER B 111 6.69 -0.93 14.49
CA SER B 111 5.96 -2.06 13.96
C SER B 111 6.16 -2.15 12.46
N PHE B 112 6.05 -3.37 11.94
CA PHE B 112 5.89 -3.58 10.51
C PHE B 112 4.43 -3.33 10.15
N SER B 113 4.22 -2.78 8.96
CA SER B 113 2.89 -2.62 8.38
C SER B 113 2.79 -3.49 7.15
N GLY B 114 1.65 -4.16 6.99
CA GLY B 114 1.42 -4.99 5.82
C GLY B 114 0.13 -4.58 5.13
N TYR B 115 0.20 -4.18 3.87
CA TYR B 115 -0.99 -3.74 3.13
C TYR B 115 -1.27 -4.78 2.06
N TYR B 116 -2.37 -5.52 2.23
CA TYR B 116 -2.77 -6.54 1.26
C TYR B 116 -3.94 -6.04 0.41
N TYR B 117 -3.88 -6.26 -0.90
CA TYR B 117 -5.03 -6.01 -1.77
C TYR B 117 -4.93 -6.86 -3.02
N ASP B 118 -6.08 -7.21 -3.61
CA ASP B 118 -6.09 -8.11 -4.77
C ASP B 118 -7.17 -7.70 -5.77
N ASP B 119 -7.22 -8.42 -6.90
CA ASP B 119 -8.18 -8.13 -7.97
C ASP B 119 -9.51 -8.82 -7.76
N TRP B 120 -9.81 -9.20 -6.52
CA TRP B 120 -11.13 -9.67 -6.14
C TRP B 120 -11.79 -8.71 -5.15
N GLY B 121 -11.20 -7.55 -4.92
CA GLY B 121 -11.75 -6.58 -4.00
C GLY B 121 -11.41 -6.80 -2.55
N ASN B 122 -10.52 -7.75 -2.23
CA ASN B 122 -10.08 -7.92 -0.85
C ASN B 122 -9.02 -6.90 -0.51
N ARG B 123 -9.04 -6.44 0.74
CA ARG B 123 -8.09 -5.45 1.23
C ARG B 123 -8.00 -5.57 2.74
N THR B 124 -6.78 -5.73 3.28
CA THR B 124 -6.59 -5.76 4.73
C THR B 124 -5.30 -5.07 5.14
N LEU B 125 -5.35 -4.43 6.30
CA LEU B 125 -4.23 -3.71 6.89
C LEU B 125 -3.79 -4.50 8.11
N LEU B 126 -2.54 -4.93 8.11
CA LEU B 126 -2.00 -5.77 9.18
C LEU B 126 -0.77 -5.12 9.77
N THR B 127 -0.51 -5.42 11.04
CA THR B 127 0.68 -4.92 11.73
C THR B 127 1.37 -6.07 12.46
N SER B 128 2.69 -5.94 12.62
CA SER B 128 3.47 -6.96 13.32
C SER B 128 4.51 -6.29 14.19
N GLU B 129 4.67 -6.81 15.41
CA GLU B 129 5.73 -6.37 16.29
C GLU B 129 7.10 -6.89 15.87
N GLY B 130 7.17 -7.84 14.93
CA GLY B 130 8.42 -8.46 14.55
C GLY B 130 8.53 -9.89 15.03
N TRP B 131 9.74 -10.45 14.91
CA TRP B 131 9.97 -11.85 15.28
C TRP B 131 9.80 -12.01 16.79
N GLN B 132 9.06 -13.05 17.19
CA GLN B 132 8.87 -13.40 18.60
C GLN B 132 8.74 -14.91 18.68
N ASP B 133 9.63 -15.54 19.43
CA ASP B 133 9.54 -16.98 19.71
C ASP B 133 9.54 -17.81 18.43
N GLY B 134 10.22 -17.33 17.39
CA GLY B 134 10.31 -18.07 16.14
C GLY B 134 9.15 -17.88 15.18
N TYR B 135 8.25 -16.93 15.42
CA TYR B 135 7.18 -16.61 14.50
C TYR B 135 7.15 -15.12 14.23
N LEU B 136 6.69 -14.76 13.04
CA LEU B 136 6.47 -13.37 12.66
C LEU B 136 4.98 -13.22 12.34
N ALA B 137 4.21 -12.63 13.25
CA ALA B 137 2.75 -12.59 13.14
C ALA B 137 2.26 -11.21 12.73
N PHE B 138 1.60 -11.14 11.57
CA PHE B 138 0.87 -9.96 11.15
C PHE B 138 -0.59 -10.16 11.53
N THR B 139 -1.14 -9.18 12.27
CA THR B 139 -2.52 -9.26 12.75
C THR B 139 -3.28 -7.99 12.41
N GLY B 140 -4.57 -8.14 12.23
CA GLY B 140 -5.41 -7.01 11.91
C GLY B 140 -6.87 -7.43 11.91
N GLU B 141 -7.73 -6.45 11.67
CA GLU B 141 -9.17 -6.68 11.68
C GLU B 141 -9.65 -7.02 10.28
N CYS B 142 -10.46 -8.07 10.19
CA CYS B 142 -11.35 -8.32 9.05
C CYS B 142 -10.62 -8.57 7.73
N PHE B 143 -11.34 -8.34 6.64
CA PHE B 143 -10.80 -8.36 5.28
C PHE B 143 -11.67 -7.43 4.42
N GLY B 144 -11.64 -7.62 3.09
CA GLY B 144 -12.46 -6.80 2.22
C GLY B 144 -13.90 -7.26 2.08
N SER B 148 -15.78 -7.03 12.24
CA SER B 148 -16.07 -8.43 12.55
C SER B 148 -14.85 -9.12 13.18
N PHE B 149 -14.32 -10.17 12.53
CA PHE B 149 -13.22 -10.94 13.10
C PHE B 149 -11.86 -10.24 13.11
N LEU B 150 -10.92 -10.90 13.80
CA LEU B 150 -9.50 -10.63 13.71
C LEU B 150 -8.82 -11.68 12.84
N LEU B 151 -7.70 -11.29 12.25
CA LEU B 151 -6.97 -12.12 11.32
C LEU B 151 -5.50 -12.17 11.72
N LYS B 152 -4.88 -13.34 11.59
CA LYS B 152 -3.46 -13.47 11.84
C LYS B 152 -2.79 -14.19 10.68
N GLU B 153 -1.77 -13.56 10.11
CA GLU B 153 -0.90 -14.15 9.12
C GLU B 153 0.45 -14.35 9.79
N GLN B 154 0.86 -15.61 9.97
CA GLN B 154 2.01 -15.95 10.80
C GLN B 154 3.07 -16.65 9.96
N TYR B 155 4.27 -16.06 9.89
CA TYR B 155 5.36 -16.64 9.12
C TYR B 155 6.36 -17.36 10.03
N GLU B 156 6.93 -18.44 9.52
CA GLU B 156 8.04 -19.13 10.17
C GLU B 156 9.03 -19.57 9.10
N ILE B 157 10.29 -19.64 9.49
CA ILE B 157 11.35 -20.06 8.58
C ILE B 157 11.61 -21.54 8.80
N VAL B 158 11.68 -22.31 7.71
CA VAL B 158 11.99 -23.73 7.78
C VAL B 158 13.47 -23.91 7.48
N ASP B 159 13.90 -23.47 6.30
CA ASP B 159 15.31 -23.41 5.98
C ASP B 159 15.51 -22.27 4.99
N GLU B 160 16.72 -22.16 4.44
CA GLU B 160 17.02 -20.98 3.64
C GLU B 160 16.21 -20.91 2.35
N LYS B 161 15.54 -21.99 1.93
CA LYS B 161 14.72 -21.95 0.72
C LYS B 161 13.26 -22.30 0.99
N HIS B 162 12.82 -22.27 2.25
CA HIS B 162 11.51 -22.80 2.60
C HIS B 162 10.97 -22.02 3.80
N TYR B 163 9.86 -21.31 3.60
CA TYR B 163 9.16 -20.69 4.72
C TYR B 163 7.69 -21.09 4.65
N VAL B 164 7.02 -20.97 5.80
CA VAL B 164 5.62 -21.33 5.93
C VAL B 164 4.82 -20.11 6.39
N LYS B 165 3.64 -19.95 5.83
CA LYS B 165 2.69 -18.96 6.30
C LYS B 165 1.45 -19.71 6.77
N ARG B 166 1.00 -19.43 7.98
CA ARG B 166 -0.22 -20.00 8.52
C ARG B 166 -1.19 -18.87 8.83
N GLY B 167 -2.39 -18.95 8.25
CA GLY B 167 -3.42 -17.95 8.46
C GLY B 167 -4.42 -18.43 9.50
N PHE B 168 -4.80 -17.50 10.39
CA PHE B 168 -5.75 -17.82 11.45
C PHE B 168 -6.80 -16.72 11.56
N ILE B 169 -7.95 -17.09 12.10
CA ILE B 169 -9.06 -16.19 12.35
C ILE B 169 -9.52 -16.37 13.78
N LYS B 170 -9.90 -15.28 14.44
CA LYS B 170 -10.43 -15.33 15.79
C LYS B 170 -11.76 -14.61 15.87
N PHE B 171 -12.74 -15.25 16.51
CA PHE B 171 -14.06 -14.67 16.76
C PHE B 171 -14.16 -14.28 18.22
N ASP B 172 -14.56 -13.03 18.47
CA ASP B 172 -14.70 -12.46 19.81
C ASP B 172 -13.36 -12.61 20.56
N GLU B 173 -13.37 -13.17 21.76
CA GLU B 173 -12.18 -13.32 22.57
C GLU B 173 -11.77 -14.78 22.70
N GLY B 174 -12.08 -15.57 21.67
CA GLY B 174 -11.81 -17.00 21.69
C GLY B 174 -10.36 -17.31 21.40
N ASP B 175 -10.15 -18.41 20.69
CA ASP B 175 -8.82 -18.83 20.26
C ASP B 175 -8.64 -18.58 18.78
N TRP B 176 -7.39 -18.69 18.32
CA TRP B 176 -7.11 -18.60 16.90
C TRP B 176 -7.50 -19.91 16.22
N ILE B 177 -8.25 -19.81 15.14
CA ILE B 177 -8.73 -20.96 14.39
C ILE B 177 -7.93 -21.06 13.09
N PRO B 178 -7.31 -22.20 12.80
CA PRO B 178 -6.52 -22.32 11.58
C PRO B 178 -7.40 -22.13 10.35
N ALA B 179 -7.00 -21.19 9.49
CA ALA B 179 -7.73 -20.90 8.26
C ALA B 179 -7.01 -21.40 7.02
N ASP B 180 -5.69 -21.27 6.94
CA ASP B 180 -4.95 -21.81 5.80
C ASP B 180 -3.50 -22.06 6.19
N GLU B 181 -2.78 -22.70 5.27
CA GLU B 181 -1.37 -23.03 5.45
C GLU B 181 -0.73 -22.99 4.07
N VAL B 182 0.40 -22.30 3.95
CA VAL B 182 1.09 -22.13 2.67
C VAL B 182 2.57 -22.44 2.89
N HIS B 183 3.08 -23.44 2.17
CA HIS B 183 4.51 -23.73 2.14
C HIS B 183 5.13 -23.14 0.88
N CYS B 184 6.07 -22.22 1.06
CA CYS B 184 6.71 -21.53 -0.06
C CYS B 184 8.13 -22.06 -0.22
N HIS B 185 8.44 -22.51 -1.43
CA HIS B 185 9.74 -23.10 -1.75
C HIS B 185 10.41 -22.24 -2.80
N ARG B 186 11.61 -21.78 -2.48
CA ARG B 186 12.26 -20.80 -3.33
C ARG B 186 12.76 -21.47 -4.61
N GLU B 187 12.34 -20.93 -5.76
CA GLU B 187 12.88 -21.32 -7.05
C GLU B 187 13.84 -20.29 -7.63
N ALA B 188 13.72 -19.04 -7.19
CA ALA B 188 14.64 -17.94 -7.48
C ALA B 188 14.51 -16.91 -6.35
C1 MLT C . -20.47 7.70 -7.73
O1 MLT C . -19.32 8.10 -8.06
O2 MLT C . -20.68 6.61 -7.15
C2 MLT C . -21.62 8.61 -8.06
O3 MLT C . -22.52 8.03 -8.97
C3 MLT C . -21.05 9.91 -8.64
C4 MLT C . -20.71 10.85 -7.52
O4 MLT C . -21.69 11.24 -6.82
O5 MLT C . -19.51 11.23 -7.32
#